data_2P1F
#
_entry.id   2P1F
#
_cell.length_a   78.314
_cell.length_b   116.875
_cell.length_c   61.946
_cell.angle_alpha   90.00
_cell.angle_beta   90.00
_cell.angle_gamma   90.00
#
_symmetry.space_group_name_H-M   'C 2 2 21'
#
loop_
_entity.id
_entity.type
_entity.pdbx_description
1 polymer "Uridine 5'-monophosphate synthase"
2 non-polymer 'SULFATE ION'
3 non-polymer 'SODIUM ION'
4 non-polymer GLYCEROL
5 water water
#
_entity_poly.entity_id   1
_entity_poly.type   'polypeptide(L)'
_entity_poly.pdbx_seq_one_letter_code
;DAETVGRVKRFIQENVFVAANHNGSPLSIKEAPKELSFGARAELPRIHPVASKLLRLMQKKETNLCLSADVSLARELLQL
ADALGPSICMLKTHVDILNDFTLDVMKELITLAK(CSX)HEFLIFEDRKFADIGNTVKKQYEGGIFKIASWADLVNAHVV
PGSGVVKGLQEVGLPLHRGCLLIAEMSSTGSLATGDYTRAAVRMAEEHSEFVVGFISGSRVSMKPEFLHLTPGVQLEAGG
DNLGQQYNSPQEVIGKRGSDIIIVGRGIISAADRLEAAEMYRKAAWEAYLSRLGV
;
_entity_poly.pdbx_strand_id   A
#
loop_
_chem_comp.id
_chem_comp.type
_chem_comp.name
_chem_comp.formula
GOL non-polymer GLYCEROL 'C3 H8 O3'
NA non-polymer 'SODIUM ION' 'Na 1'
SO4 non-polymer 'SULFATE ION' 'O4 S -2'
#
# COMPACT_ATOMS: atom_id res chain seq x y z
N ALA A 32 -15.80 -19.38 -0.13
CA ALA A 32 -14.63 -18.71 -0.78
C ALA A 32 -13.73 -19.71 -1.51
N PRO A 33 -13.20 -19.32 -2.69
CA PRO A 33 -12.31 -20.23 -3.42
C PRO A 33 -11.06 -20.55 -2.61
N LYS A 34 -10.43 -21.67 -2.94
CA LYS A 34 -9.20 -22.07 -2.27
C LYS A 34 -8.13 -20.99 -2.49
N GLU A 35 -7.49 -20.60 -1.39
CA GLU A 35 -6.45 -19.59 -1.31
C GLU A 35 -5.20 -20.01 -2.08
N LEU A 36 -4.67 -19.11 -2.92
CA LEU A 36 -3.42 -19.36 -3.62
C LEU A 36 -2.29 -18.63 -2.89
N SER A 37 -1.08 -19.19 -2.92
CA SER A 37 0.09 -18.49 -2.39
C SER A 37 0.36 -17.18 -3.11
N PHE A 38 1.12 -16.29 -2.46
CA PHE A 38 1.55 -15.04 -3.12
C PHE A 38 2.31 -15.36 -4.43
N GLY A 39 3.19 -16.35 -4.39
CA GLY A 39 3.95 -16.72 -5.60
C GLY A 39 3.05 -17.20 -6.73
N ALA A 40 2.00 -17.94 -6.40
CA ALA A 40 1.08 -18.39 -7.45
C ALA A 40 0.22 -17.24 -7.95
N ARG A 41 -0.22 -16.35 -7.05
CA ARG A 41 -0.98 -15.18 -7.48
C ARG A 41 -0.17 -14.31 -8.44
N ALA A 42 1.16 -14.27 -8.26
CA ALA A 42 2.04 -13.46 -9.11
C ALA A 42 2.00 -13.90 -10.57
N GLU A 43 1.52 -15.12 -10.79
CA GLU A 43 1.43 -15.74 -12.12
C GLU A 43 0.04 -15.72 -12.76
N LEU A 44 -0.97 -15.19 -12.05
CA LEU A 44 -2.35 -15.23 -12.56
C LEU A 44 -2.46 -14.58 -13.93
N PRO A 45 -3.28 -15.18 -14.82
CA PRO A 45 -3.42 -14.59 -16.17
C PRO A 45 -3.69 -13.07 -16.20
N ARG A 46 -4.53 -12.59 -15.30
N ARG A 46 -4.54 -12.62 -15.29
CA ARG A 46 -4.92 -11.18 -15.33
CA ARG A 46 -4.99 -11.22 -15.25
C ARG A 46 -4.11 -10.28 -14.41
C ARG A 46 -4.21 -10.35 -14.26
N ILE A 47 -3.06 -10.82 -13.80
CA ILE A 47 -2.25 -10.06 -12.83
C ILE A 47 -1.62 -8.83 -13.50
N HIS A 48 -1.56 -7.72 -12.76
CA HIS A 48 -0.91 -6.50 -13.22
C HIS A 48 0.59 -6.68 -12.96
N PRO A 49 1.45 -6.23 -13.88
CA PRO A 49 2.91 -6.37 -13.68
C PRO A 49 3.48 -5.84 -12.36
N VAL A 50 2.93 -4.74 -11.87
CA VAL A 50 3.38 -4.17 -10.59
C VAL A 50 2.94 -5.10 -9.45
N ALA A 51 1.72 -5.61 -9.50
CA ALA A 51 1.25 -6.57 -8.51
C ALA A 51 2.11 -7.86 -8.53
N SER A 52 2.48 -8.32 -9.72
N SER A 52 2.45 -8.30 -9.73
CA SER A 52 3.26 -9.56 -9.80
CA SER A 52 3.26 -9.51 -9.88
C SER A 52 4.67 -9.36 -9.25
C SER A 52 4.61 -9.32 -9.21
N LYS A 53 5.26 -8.18 -9.49
CA LYS A 53 6.58 -7.86 -8.94
C LYS A 53 6.52 -7.86 -7.41
N LEU A 54 5.46 -7.22 -6.89
CA LEU A 54 5.22 -7.19 -5.45
C LEU A 54 5.03 -8.59 -4.85
N LEU A 55 4.12 -9.35 -5.44
CA LEU A 55 3.84 -10.69 -4.94
C LEU A 55 5.08 -11.59 -4.95
N ARG A 56 5.92 -11.48 -5.97
N ARG A 56 5.88 -11.48 -6.00
CA ARG A 56 7.11 -12.34 -6.03
CA ARG A 56 7.11 -12.27 -6.09
C ARG A 56 8.15 -11.95 -4.98
C ARG A 56 8.04 -11.95 -4.93
N LEU A 57 8.27 -10.67 -4.65
CA LEU A 57 9.24 -10.25 -3.62
C LEU A 57 8.69 -10.56 -2.22
N MET A 58 7.36 -10.50 -2.04
CA MET A 58 6.72 -10.92 -0.77
C MET A 58 7.05 -12.39 -0.49
N GLN A 59 6.87 -13.26 -1.49
N GLN A 59 6.86 -13.21 -1.53
CA GLN A 59 7.18 -14.68 -1.27
CA GLN A 59 7.17 -14.64 -1.49
C GLN A 59 8.68 -14.94 -1.15
C GLN A 59 8.63 -14.89 -1.17
N LYS A 60 9.51 -14.24 -1.91
CA LYS A 60 10.96 -14.43 -1.81
C LYS A 60 11.48 -14.04 -0.42
N LYS A 61 10.98 -12.92 0.09
CA LYS A 61 11.49 -12.34 1.35
C LYS A 61 10.70 -12.74 2.61
N GLU A 62 9.59 -13.46 2.44
CA GLU A 62 8.70 -13.83 3.54
C GLU A 62 8.25 -12.58 4.32
N THR A 63 7.78 -11.63 3.53
CA THR A 63 7.24 -10.41 4.19
C THR A 63 5.98 -9.91 3.48
N ASN A 64 4.96 -9.63 4.26
CA ASN A 64 3.75 -8.93 3.78
C ASN A 64 3.51 -7.71 4.65
N LEU A 65 4.61 -7.06 5.04
CA LEU A 65 4.59 -5.84 5.84
C LEU A 65 4.90 -4.62 4.96
N CYS A 66 4.04 -3.60 5.01
CA CYS A 66 4.33 -2.29 4.39
C CYS A 66 4.64 -1.28 5.50
N LEU A 67 5.81 -0.67 5.46
CA LEU A 67 6.20 0.29 6.49
C LEU A 67 5.60 1.63 6.11
N SER A 68 4.83 2.22 7.02
CA SER A 68 4.33 3.58 6.81
C SER A 68 5.39 4.52 7.42
N ALA A 69 6.21 5.11 6.55
CA ALA A 69 7.42 5.82 7.00
C ALA A 69 7.04 7.24 7.34
N ASP A 70 6.34 7.39 8.44
CA ASP A 70 5.73 8.66 8.75
C ASP A 70 6.70 9.50 9.59
N VAL A 71 7.64 10.12 8.88
CA VAL A 71 8.66 10.98 9.48
C VAL A 71 8.76 12.27 8.67
N SER A 72 9.33 13.32 9.25
CA SER A 72 9.36 14.60 8.55
C SER A 72 10.78 14.94 8.04
N LEU A 73 11.76 14.08 8.32
CA LEU A 73 13.15 14.31 7.92
C LEU A 73 13.63 13.31 6.87
N ALA A 74 14.14 13.78 5.73
CA ALA A 74 14.69 12.88 4.73
C ALA A 74 15.73 11.90 5.28
N ARG A 75 16.64 12.35 6.16
N ARG A 75 16.65 12.37 6.14
CA ARG A 75 17.63 11.44 6.72
CA ARG A 75 17.70 11.48 6.64
C ARG A 75 16.98 10.26 7.44
C ARG A 75 17.09 10.33 7.44
N GLU A 76 15.94 10.55 8.24
N GLU A 76 16.01 10.60 8.16
CA GLU A 76 15.30 9.48 8.98
CA GLU A 76 15.33 9.56 8.91
C GLU A 76 14.55 8.55 8.03
C GLU A 76 14.65 8.56 7.97
N LEU A 77 13.93 9.10 6.99
CA LEU A 77 13.23 8.27 6.01
C LEU A 77 14.21 7.32 5.32
N LEU A 78 15.39 7.83 4.96
CA LEU A 78 16.38 7.01 4.25
C LEU A 78 17.04 6.01 5.19
N GLN A 79 17.30 6.38 6.44
CA GLN A 79 17.89 5.44 7.40
C GLN A 79 16.92 4.31 7.73
N LEU A 80 15.64 4.66 7.81
CA LEU A 80 14.59 3.65 8.03
C LEU A 80 14.48 2.74 6.83
N ALA A 81 14.45 3.31 5.63
CA ALA A 81 14.34 2.49 4.41
C ALA A 81 15.52 1.49 4.26
N ASP A 82 16.73 1.94 4.56
CA ASP A 82 17.89 1.06 4.49
C ASP A 82 17.82 -0.05 5.54
N ALA A 83 17.57 0.30 6.80
CA ALA A 83 17.62 -0.68 7.89
C ALA A 83 16.48 -1.67 7.81
N LEU A 84 15.30 -1.16 7.46
CA LEU A 84 14.09 -1.99 7.49
C LEU A 84 13.81 -2.62 6.13
N GLY A 85 14.54 -2.15 5.11
CA GLY A 85 14.29 -2.65 3.74
C GLY A 85 14.16 -4.17 3.61
N PRO A 86 15.11 -4.91 4.17
CA PRO A 86 15.02 -6.37 4.10
C PRO A 86 13.75 -7.00 4.72
N SER A 87 13.12 -6.28 5.63
CA SER A 87 11.95 -6.76 6.39
C SER A 87 10.60 -6.40 5.76
N ILE A 88 10.60 -5.59 4.71
CA ILE A 88 9.33 -5.01 4.21
C ILE A 88 9.09 -5.35 2.74
N CYS A 89 7.84 -5.44 2.31
CA CYS A 89 7.58 -5.57 0.87
C CYS A 89 7.37 -4.20 0.19
N MET A 90 7.11 -3.19 1.01
CA MET A 90 6.67 -1.89 0.51
C MET A 90 7.02 -0.85 1.56
N LEU A 91 7.30 0.36 1.07
CA LEU A 91 7.54 1.51 1.92
C LEU A 91 6.57 2.56 1.47
N LYS A 92 5.73 3.01 2.40
CA LYS A 92 4.66 3.95 2.10
C LYS A 92 5.12 5.31 2.59
N THR A 93 5.01 6.31 1.71
CA THR A 93 5.46 7.66 1.98
C THR A 93 4.29 8.66 2.02
N HIS A 94 4.46 9.73 2.79
CA HIS A 94 3.61 10.94 2.60
C HIS A 94 4.64 12.02 2.28
N VAL A 95 4.97 12.23 1.01
N VAL A 95 4.92 12.19 0.99
CA VAL A 95 6.05 13.20 0.74
CA VAL A 95 5.92 13.15 0.52
C VAL A 95 5.66 14.66 1.01
C VAL A 95 5.65 14.58 1.04
N ASP A 96 4.37 14.92 1.16
CA ASP A 96 3.95 16.26 1.52
C ASP A 96 4.09 16.60 3.01
N ILE A 97 4.69 15.67 3.76
N ILE A 97 4.67 15.69 3.80
CA ILE A 97 5.02 15.86 5.17
CA ILE A 97 5.03 16.11 5.15
C ILE A 97 6.53 15.90 5.40
C ILE A 97 6.54 16.18 5.34
N LEU A 98 7.29 15.74 4.33
CA LEU A 98 8.77 15.77 4.43
C LEU A 98 9.19 17.23 4.38
N ASN A 99 9.77 17.73 5.48
CA ASN A 99 10.20 19.12 5.55
C ASN A 99 11.30 19.45 4.52
N ASP A 100 12.12 18.47 4.18
CA ASP A 100 13.24 18.68 3.27
C ASP A 100 13.15 17.79 2.04
N PHE A 101 11.93 17.59 1.54
CA PHE A 101 11.78 16.90 0.25
C PHE A 101 12.64 17.53 -0.85
N THR A 102 13.33 16.68 -1.61
CA THR A 102 13.83 17.08 -2.93
C THR A 102 13.70 15.86 -3.81
N LEU A 103 13.73 16.03 -5.13
CA LEU A 103 13.70 14.83 -6.00
C LEU A 103 14.92 13.92 -5.81
N ASP A 104 16.06 14.48 -5.41
N ASP A 104 16.04 14.52 -5.41
CA ASP A 104 17.24 13.64 -5.13
CA ASP A 104 17.22 13.74 -5.09
C ASP A 104 17.06 12.75 -3.89
C ASP A 104 16.95 12.74 -3.97
N VAL A 105 16.22 13.16 -2.94
CA VAL A 105 15.89 12.26 -1.83
C VAL A 105 15.16 11.04 -2.40
N MET A 106 14.26 11.27 -3.35
CA MET A 106 13.49 10.16 -3.90
C MET A 106 14.38 9.27 -4.76
N LYS A 107 15.38 9.84 -5.42
CA LYS A 107 16.38 9.04 -6.13
C LYS A 107 17.12 8.09 -5.17
N GLU A 108 17.53 8.61 -4.03
N GLU A 108 17.53 8.63 -4.03
CA GLU A 108 18.18 7.78 -3.02
CA GLU A 108 18.16 7.83 -2.98
C GLU A 108 17.25 6.72 -2.44
C GLU A 108 17.23 6.71 -2.49
N LEU A 109 15.96 7.04 -2.31
CA LEU A 109 14.96 6.06 -1.87
C LEU A 109 14.80 4.95 -2.90
N ILE A 110 14.77 5.32 -4.17
CA ILE A 110 14.70 4.33 -5.25
C ILE A 110 15.90 3.37 -5.22
N THR A 111 17.10 3.90 -5.02
CA THR A 111 18.29 3.05 -4.88
C THR A 111 18.11 2.01 -3.77
N LEU A 112 17.60 2.44 -2.62
CA LEU A 112 17.33 1.53 -1.52
C LEU A 112 16.26 0.49 -1.85
N ALA A 113 15.20 0.96 -2.52
CA ALA A 113 14.09 0.08 -2.94
C ALA A 113 14.59 -1.03 -3.87
N LYS A 114 15.43 -0.64 -4.84
CA LYS A 114 16.03 -1.59 -5.76
C LYS A 114 16.98 -2.55 -5.03
N CSX A 115 17.92 -2.10 -4.04
CA CSX A 115 18.97 -2.81 -3.31
CB CSX A 115 19.68 -1.82 -2.41
SG CSX A 115 20.76 -2.77 -1.33
C CSX A 115 18.27 -3.85 -2.47
O CSX A 115 18.37 -5.06 -2.57
OD CSX A 115 22.02 -3.42 -2.45
N HIS A 116 17.07 -3.35 -1.70
CA HIS A 116 16.50 -4.26 -0.68
C HIS A 116 15.27 -4.97 -1.22
N GLU A 117 14.82 -4.57 -2.42
CA GLU A 117 13.63 -5.14 -3.09
C GLU A 117 12.33 -4.84 -2.36
N PHE A 118 11.86 -3.60 -2.45
CA PHE A 118 10.51 -3.27 -1.97
C PHE A 118 9.93 -2.24 -2.93
N LEU A 119 8.60 -2.11 -2.97
CA LEU A 119 8.00 -1.09 -3.80
C LEU A 119 7.83 0.20 -2.99
N ILE A 120 7.72 1.32 -3.70
CA ILE A 120 7.43 2.59 -3.06
C ILE A 120 6.00 2.99 -3.33
N PHE A 121 5.25 3.28 -2.27
CA PHE A 121 3.82 3.57 -2.37
C PHE A 121 3.63 4.97 -1.79
N GLU A 122 3.28 5.95 -2.62
CA GLU A 122 2.96 7.29 -2.13
C GLU A 122 1.47 7.38 -1.77
N ASP A 123 1.23 7.63 -0.48
CA ASP A 123 -0.13 7.59 0.09
C ASP A 123 -0.78 8.97 -0.09
N ARG A 124 -1.01 9.32 -1.36
CA ARG A 124 -1.48 10.67 -1.70
C ARG A 124 -3.01 10.81 -1.60
N LYS A 125 -3.72 9.69 -1.67
CA LYS A 125 -5.18 9.66 -1.58
C LYS A 125 -5.77 10.68 -2.57
N PHE A 126 -5.38 10.57 -3.84
CA PHE A 126 -5.96 11.46 -4.84
C PHE A 126 -7.48 11.42 -4.75
N ALA A 127 -8.12 12.58 -4.92
CA ALA A 127 -9.57 12.63 -4.62
C ALA A 127 -10.23 13.81 -5.27
N ASP A 128 -9.75 14.16 -6.47
CA ASP A 128 -10.29 15.34 -7.18
C ASP A 128 -10.85 14.81 -8.50
N ILE A 129 -11.34 15.74 -9.33
CA ILE A 129 -11.81 15.36 -10.65
C ILE A 129 -10.64 14.89 -11.50
N GLY A 130 -10.92 14.08 -12.51
CA GLY A 130 -9.86 13.47 -13.34
C GLY A 130 -8.85 14.43 -13.94
N ASN A 131 -9.34 15.56 -14.45
CA ASN A 131 -8.44 16.53 -15.08
C ASN A 131 -7.41 17.07 -14.09
N THR A 132 -7.80 17.24 -12.83
CA THR A 132 -6.91 17.75 -11.80
C THR A 132 -5.93 16.71 -11.29
N VAL A 133 -6.42 15.52 -10.94
CA VAL A 133 -5.50 14.49 -10.41
C VAL A 133 -4.39 14.15 -11.41
N LYS A 134 -4.70 14.21 -12.70
N LYS A 134 -4.64 14.22 -12.71
CA LYS A 134 -3.69 13.96 -13.73
CA LYS A 134 -3.56 13.87 -13.65
C LYS A 134 -2.46 14.84 -13.48
C LYS A 134 -2.38 14.86 -13.53
N LYS A 135 -2.70 16.12 -13.24
CA LYS A 135 -1.62 17.09 -13.01
C LYS A 135 -0.93 16.89 -11.65
N GLN A 136 -1.75 16.60 -10.63
CA GLN A 136 -1.20 16.39 -9.30
C GLN A 136 -0.29 15.15 -9.25
N TYR A 137 -0.56 14.18 -10.12
CA TYR A 137 0.22 12.94 -10.14
C TYR A 137 1.53 13.13 -10.92
N GLU A 138 1.48 13.82 -12.05
CA GLU A 138 2.66 13.93 -12.91
C GLU A 138 3.55 15.09 -12.51
N GLY A 139 2.93 16.17 -12.04
CA GLY A 139 3.53 17.50 -12.06
C GLY A 139 3.84 18.08 -10.71
N GLY A 140 3.87 19.41 -10.66
CA GLY A 140 4.23 20.13 -9.46
C GLY A 140 5.66 19.85 -9.02
N ILE A 141 5.96 20.15 -7.76
N ILE A 141 5.95 20.12 -7.76
CA ILE A 141 7.28 19.93 -7.17
CA ILE A 141 7.30 19.92 -7.26
C ILE A 141 7.55 18.44 -7.02
C ILE A 141 7.58 18.45 -6.89
N PHE A 142 6.54 17.68 -6.63
CA PHE A 142 6.77 16.29 -6.19
C PHE A 142 7.01 15.29 -7.33
N LYS A 143 6.47 15.55 -8.53
CA LYS A 143 6.52 14.58 -9.64
C LYS A 143 6.34 13.14 -9.15
N ILE A 144 5.23 12.92 -8.45
CA ILE A 144 4.99 11.65 -7.81
C ILE A 144 5.13 10.47 -8.80
N ALA A 145 4.55 10.57 -10.00
CA ALA A 145 4.59 9.42 -10.91
C ALA A 145 6.02 9.02 -11.31
N SER A 146 6.97 9.96 -11.22
CA SER A 146 8.37 9.66 -11.58
C SER A 146 9.09 8.69 -10.64
N TRP A 147 8.60 8.54 -9.41
CA TRP A 147 9.25 7.69 -8.40
C TRP A 147 8.34 6.71 -7.64
N ALA A 148 7.02 6.92 -7.67
CA ALA A 148 6.12 6.01 -6.94
C ALA A 148 5.64 4.81 -7.78
N ASP A 149 5.93 3.59 -7.32
CA ASP A 149 5.43 2.40 -8.02
C ASP A 149 3.91 2.39 -7.91
N LEU A 150 3.42 2.73 -6.72
CA LEU A 150 1.99 2.70 -6.41
C LEU A 150 1.54 4.03 -5.83
N VAL A 151 0.30 4.41 -6.16
CA VAL A 151 -0.39 5.51 -5.47
C VAL A 151 -1.78 4.99 -5.10
N ASN A 152 -2.54 5.78 -4.35
CA ASN A 152 -3.92 5.40 -4.02
C ASN A 152 -4.88 6.54 -4.32
N ALA A 153 -6.17 6.20 -4.42
CA ALA A 153 -7.17 7.21 -4.78
C ALA A 153 -8.46 6.91 -4.03
N HIS A 154 -9.17 7.95 -3.60
CA HIS A 154 -10.55 7.78 -3.13
C HIS A 154 -11.51 7.65 -4.32
N VAL A 155 -12.61 6.91 -4.14
CA VAL A 155 -13.52 6.70 -5.27
C VAL A 155 -14.68 7.71 -5.29
N VAL A 156 -14.76 8.55 -4.25
CA VAL A 156 -15.86 9.52 -4.12
C VAL A 156 -16.10 10.39 -5.38
N PRO A 157 -15.06 10.79 -6.14
CA PRO A 157 -15.39 11.62 -7.32
C PRO A 157 -16.03 10.87 -8.48
N GLY A 158 -16.12 9.54 -8.40
CA GLY A 158 -16.54 8.74 -9.57
C GLY A 158 -15.31 8.31 -10.36
N SER A 159 -15.52 7.51 -11.41
CA SER A 159 -14.39 6.82 -12.03
C SER A 159 -13.46 7.76 -12.79
N GLY A 160 -13.88 9.00 -13.01
CA GLY A 160 -12.97 10.00 -13.59
C GLY A 160 -11.65 10.13 -12.83
N VAL A 161 -11.68 9.90 -11.52
CA VAL A 161 -10.44 9.98 -10.75
C VAL A 161 -9.43 8.94 -11.24
N VAL A 162 -9.91 7.72 -11.50
CA VAL A 162 -9.07 6.65 -12.05
C VAL A 162 -8.65 6.92 -13.49
N LYS A 163 -9.61 7.37 -14.29
N LYS A 163 -9.58 7.38 -14.32
CA LYS A 163 -9.33 7.74 -15.69
CA LYS A 163 -9.23 7.69 -15.71
C LYS A 163 -8.20 8.76 -15.77
C LYS A 163 -8.22 8.82 -15.86
N GLY A 164 -8.28 9.80 -14.96
CA GLY A 164 -7.27 10.86 -15.00
C GLY A 164 -5.91 10.34 -14.56
N LEU A 165 -5.87 9.60 -13.45
CA LEU A 165 -4.57 9.06 -13.00
C LEU A 165 -3.98 8.11 -14.04
N GLN A 166 -4.82 7.27 -14.66
CA GLN A 166 -4.29 6.24 -15.56
C GLN A 166 -3.68 6.86 -16.83
N GLU A 167 -4.08 8.07 -17.19
N GLU A 167 -4.14 8.05 -17.19
CA GLU A 167 -3.49 8.72 -18.37
CA GLU A 167 -3.56 8.78 -18.32
C GLU A 167 -2.05 9.13 -18.15
C GLU A 167 -2.06 8.94 -18.13
N VAL A 168 -1.64 9.20 -16.89
CA VAL A 168 -0.22 9.38 -16.53
C VAL A 168 0.45 8.03 -16.16
N GLY A 169 -0.26 7.26 -15.36
CA GLY A 169 0.27 6.03 -14.78
C GLY A 169 0.46 4.88 -15.74
N LEU A 170 -0.43 4.74 -16.70
CA LEU A 170 -0.26 3.64 -17.67
C LEU A 170 1.03 3.80 -18.50
N PRO A 171 1.26 4.97 -19.11
CA PRO A 171 2.53 5.09 -19.84
C PRO A 171 3.76 4.92 -18.96
N LEU A 172 3.64 5.25 -17.68
CA LEU A 172 4.77 5.09 -16.75
C LEU A 172 4.79 3.71 -16.04
N HIS A 173 3.92 2.81 -16.48
CA HIS A 173 3.92 1.45 -15.98
C HIS A 173 3.70 1.38 -14.45
N ARG A 174 2.81 2.24 -13.96
CA ARG A 174 2.54 2.31 -12.52
C ARG A 174 1.25 1.58 -12.18
N GLY A 175 0.96 1.44 -10.88
CA GLY A 175 -0.32 0.87 -10.43
C GLY A 175 -0.97 1.77 -9.40
N CYS A 176 -2.25 1.51 -9.14
CA CYS A 176 -3.06 2.29 -8.21
C CYS A 176 -3.87 1.38 -7.30
N LEU A 177 -4.10 1.84 -6.07
CA LEU A 177 -4.93 1.14 -5.09
C LEU A 177 -6.16 2.04 -4.87
N LEU A 178 -7.35 1.46 -4.85
CA LEU A 178 -8.55 2.25 -4.55
C LEU A 178 -8.95 2.07 -3.09
N ILE A 179 -9.37 3.17 -2.45
CA ILE A 179 -9.64 3.11 -1.01
C ILE A 179 -11.09 2.67 -0.85
N ALA A 180 -11.26 1.40 -0.48
CA ALA A 180 -12.58 0.80 -0.40
C ALA A 180 -13.20 0.89 1.00
N GLU A 181 -12.35 0.93 2.04
CA GLU A 181 -12.78 1.09 3.43
C GLU A 181 -11.67 1.85 4.12
N MET A 182 -11.99 2.53 5.22
CA MET A 182 -10.94 3.22 6.01
C MET A 182 -10.98 2.69 7.45
N SER A 183 -9.86 2.86 8.15
CA SER A 183 -9.73 2.36 9.53
C SER A 183 -10.33 3.29 10.60
N SER A 184 -10.61 4.53 10.22
CA SER A 184 -10.91 5.60 11.17
C SER A 184 -12.38 5.64 11.62
N THR A 185 -12.59 6.18 12.82
CA THR A 185 -13.93 6.22 13.41
C THR A 185 -14.85 7.09 12.56
N GLY A 186 -16.02 6.57 12.21
CA GLY A 186 -16.98 7.39 11.47
C GLY A 186 -16.80 7.32 9.95
N SER A 187 -15.84 6.52 9.50
CA SER A 187 -15.66 6.27 8.06
C SER A 187 -16.97 6.03 7.31
N LEU A 188 -17.16 6.76 6.22
CA LEU A 188 -18.30 6.59 5.32
C LEU A 188 -18.02 5.59 4.19
N ALA A 189 -16.85 4.95 4.19
CA ALA A 189 -16.48 4.04 3.11
C ALA A 189 -17.00 2.65 3.52
N THR A 190 -18.33 2.53 3.47
CA THR A 190 -19.01 1.31 3.90
C THR A 190 -20.10 0.94 2.89
N GLY A 191 -20.64 -0.27 2.99
CA GLY A 191 -21.82 -0.63 2.19
C GLY A 191 -21.67 -0.37 0.70
N ASP A 192 -22.62 0.36 0.13
CA ASP A 192 -22.64 0.58 -1.32
C ASP A 192 -21.42 1.36 -1.81
N TYR A 193 -20.85 2.21 -0.95
CA TYR A 193 -19.61 2.92 -1.28
C TYR A 193 -18.47 1.93 -1.55
N THR A 194 -18.31 0.98 -0.63
CA THR A 194 -17.32 -0.09 -0.76
C THR A 194 -17.58 -0.92 -2.03
N ARG A 195 -18.84 -1.26 -2.28
CA ARG A 195 -19.18 -2.00 -3.50
C ARG A 195 -18.82 -1.24 -4.78
N ALA A 196 -19.01 0.08 -4.76
CA ALA A 196 -18.67 0.95 -5.89
C ALA A 196 -17.17 0.96 -6.13
N ALA A 197 -16.37 0.94 -5.06
CA ALA A 197 -14.90 0.92 -5.17
C ALA A 197 -14.43 -0.37 -5.85
N VAL A 198 -15.05 -1.49 -5.47
CA VAL A 198 -14.69 -2.79 -6.02
C VAL A 198 -15.04 -2.81 -7.50
N ARG A 199 -16.24 -2.33 -7.84
CA ARG A 199 -16.65 -2.25 -9.25
C ARG A 199 -15.69 -1.40 -10.10
N MET A 200 -15.29 -0.25 -9.54
N MET A 200 -15.31 -0.24 -9.56
CA MET A 200 -14.38 0.65 -10.25
CA MET A 200 -14.38 0.63 -10.25
C MET A 200 -13.00 0.03 -10.46
C MET A 200 -13.05 -0.06 -10.52
N ALA A 201 -12.53 -0.73 -9.48
CA ALA A 201 -11.27 -1.46 -9.60
C ALA A 201 -11.37 -2.51 -10.71
N GLU A 202 -12.43 -3.31 -10.68
N GLU A 202 -12.46 -3.27 -10.69
CA GLU A 202 -12.64 -4.36 -11.71
CA GLU A 202 -12.60 -4.38 -11.62
C GLU A 202 -12.58 -3.79 -13.12
C GLU A 202 -12.85 -3.92 -13.07
N GLU A 203 -13.26 -2.67 -13.26
CA GLU A 203 -13.40 -2.03 -14.57
C GLU A 203 -12.18 -1.25 -15.05
N HIS A 204 -11.20 -1.07 -14.16
CA HIS A 204 -9.95 -0.38 -14.52
C HIS A 204 -8.75 -1.23 -14.13
N SER A 205 -8.86 -2.53 -14.39
CA SER A 205 -7.85 -3.49 -13.96
C SER A 205 -6.49 -3.34 -14.66
N GLU A 206 -6.43 -2.60 -15.76
N GLU A 206 -6.44 -2.60 -15.75
CA GLU A 206 -5.12 -2.35 -16.39
CA GLU A 206 -5.17 -2.32 -16.41
C GLU A 206 -4.25 -1.46 -15.51
C GLU A 206 -4.28 -1.40 -15.58
N PHE A 207 -4.87 -0.74 -14.60
CA PHE A 207 -4.14 0.26 -13.78
C PHE A 207 -4.32 -0.02 -12.29
N VAL A 208 -5.54 -0.40 -11.91
CA VAL A 208 -5.84 -0.65 -10.50
C VAL A 208 -5.44 -2.07 -10.11
N VAL A 209 -4.58 -2.19 -9.09
CA VAL A 209 -4.00 -3.46 -8.69
C VAL A 209 -4.59 -3.96 -7.36
N GLY A 210 -5.41 -3.13 -6.73
CA GLY A 210 -5.97 -3.59 -5.44
C GLY A 210 -6.59 -2.47 -4.63
N PHE A 211 -6.70 -2.71 -3.32
CA PHE A 211 -7.49 -1.87 -2.42
C PHE A 211 -6.73 -1.55 -1.16
N ILE A 212 -7.03 -0.37 -0.62
CA ILE A 212 -6.85 -0.12 0.80
C ILE A 212 -8.20 -0.48 1.42
N SER A 213 -8.19 -1.42 2.35
CA SER A 213 -9.45 -1.88 2.96
C SER A 213 -9.14 -2.49 4.31
N GLY A 214 -10.18 -2.73 5.09
CA GLY A 214 -10.00 -3.34 6.42
C GLY A 214 -10.06 -4.85 6.34
N SER A 215 -10.60 -5.36 5.24
N SER A 215 -10.48 -5.35 5.19
CA SER A 215 -10.77 -6.80 5.04
CA SER A 215 -10.71 -6.77 5.00
C SER A 215 -10.65 -7.13 3.55
C SER A 215 -10.73 -7.07 3.51
N ARG A 216 -10.90 -8.39 3.21
N ARG A 216 -10.65 -8.34 3.16
CA ARG A 216 -11.00 -8.81 1.83
CA ARG A 216 -10.95 -8.75 1.80
C ARG A 216 -12.34 -8.29 1.28
C ARG A 216 -12.28 -8.10 1.40
N VAL A 217 -12.30 -7.48 0.22
CA VAL A 217 -13.52 -6.90 -0.34
C VAL A 217 -13.79 -7.45 -1.73
N SER A 218 -12.76 -7.99 -2.39
CA SER A 218 -12.92 -8.61 -3.71
C SER A 218 -12.59 -10.08 -3.61
N MET A 219 -13.38 -10.91 -4.28
CA MET A 219 -13.11 -12.35 -4.36
C MET A 219 -12.09 -12.74 -5.44
N LYS A 220 -11.65 -11.77 -6.24
CA LYS A 220 -10.74 -12.04 -7.35
C LYS A 220 -9.30 -11.96 -6.82
N PRO A 221 -8.53 -13.06 -6.93
CA PRO A 221 -7.20 -13.14 -6.34
C PRO A 221 -6.15 -12.26 -7.01
N GLU A 222 -6.45 -11.69 -8.18
N GLU A 222 -6.48 -11.70 -8.18
CA GLU A 222 -5.49 -10.79 -8.82
CA GLU A 222 -5.55 -10.79 -8.86
C GLU A 222 -5.34 -9.48 -8.04
C GLU A 222 -5.48 -9.40 -8.21
N PHE A 223 -6.34 -9.15 -7.23
CA PHE A 223 -6.32 -7.86 -6.50
C PHE A 223 -5.65 -8.01 -5.13
N LEU A 224 -4.77 -7.07 -4.81
N LEU A 224 -4.81 -7.04 -4.81
CA LEU A 224 -4.16 -7.00 -3.48
CA LEU A 224 -4.14 -6.95 -3.50
C LEU A 224 -5.11 -6.30 -2.51
C LEU A 224 -5.04 -6.22 -2.50
N HIS A 225 -5.03 -6.67 -1.24
CA HIS A 225 -5.70 -5.95 -0.15
C HIS A 225 -4.64 -5.51 0.84
N LEU A 226 -4.54 -4.20 1.06
CA LEU A 226 -3.58 -3.62 2.02
C LEU A 226 -4.41 -2.95 3.13
N THR A 227 -4.02 -3.16 4.38
CA THR A 227 -4.82 -2.73 5.54
C THR A 227 -3.98 -1.92 6.52
N PRO A 228 -4.33 -0.63 6.70
CA PRO A 228 -3.73 0.21 7.72
C PRO A 228 -4.57 0.11 9.00
N GLY A 229 -4.09 0.81 10.04
CA GLY A 229 -4.75 0.77 11.35
C GLY A 229 -4.33 -0.51 12.05
N VAL A 230 -3.03 -0.78 12.08
CA VAL A 230 -2.53 -2.05 12.60
C VAL A 230 -1.51 -1.84 13.72
N GLN A 231 -1.74 -2.48 14.86
N GLN A 231 -1.74 -2.46 14.87
CA GLN A 231 -0.73 -2.57 15.93
CA GLN A 231 -0.70 -2.60 15.90
C GLN A 231 -0.90 -3.92 16.63
C GLN A 231 -0.91 -3.90 16.67
N LEU A 232 0.14 -4.35 17.35
CA LEU A 232 0.02 -5.60 18.09
C LEU A 232 -0.92 -5.47 19.28
N GLU A 233 -0.89 -4.32 19.95
CA GLU A 233 -1.75 -4.07 21.12
C GLU A 233 -3.04 -3.35 20.72
N ALA A 234 -4.12 -3.58 21.49
CA ALA A 234 -5.39 -2.85 21.29
C ALA A 234 -5.21 -1.35 21.48
N GLY A 235 -6.03 -0.55 20.79
CA GLY A 235 -6.03 0.88 21.05
C GLY A 235 -6.44 1.72 19.86
N GLY A 236 -6.01 2.97 19.89
CA GLY A 236 -6.32 3.95 18.84
C GLY A 236 -5.53 5.22 19.10
N ASP A 237 -5.87 6.33 18.45
CA ASP A 237 -5.28 7.61 18.85
C ASP A 237 -6.44 8.56 19.20
N ASN A 238 -6.21 9.82 19.52
N ASN A 238 -6.08 9.81 19.43
CA ASN A 238 -7.35 10.69 19.86
CA ASN A 238 -7.00 10.86 19.85
C ASN A 238 -7.95 11.43 18.67
C ASN A 238 -7.60 11.66 18.69
N LEU A 239 -7.44 11.11 17.48
CA LEU A 239 -7.94 11.71 16.25
C LEU A 239 -8.55 10.65 15.34
N GLY A 240 -9.16 9.65 15.95
CA GLY A 240 -10.04 8.72 15.23
C GLY A 240 -9.39 7.48 14.65
N GLN A 241 -8.07 7.32 14.81
CA GLN A 241 -7.45 6.08 14.33
C GLN A 241 -7.84 4.94 15.26
N GLN A 242 -8.12 3.76 14.69
CA GLN A 242 -8.49 2.56 15.45
C GLN A 242 -7.57 1.41 15.02
N TYR A 243 -7.19 0.55 15.95
CA TYR A 243 -6.22 -0.51 15.65
C TYR A 243 -6.82 -1.90 15.72
N ASN A 244 -6.33 -2.76 14.83
CA ASN A 244 -6.51 -4.20 14.93
C ASN A 244 -5.17 -4.89 14.74
N SER A 245 -5.06 -6.15 15.19
CA SER A 245 -3.77 -6.83 15.15
C SER A 245 -3.55 -7.47 13.78
N PRO A 246 -2.28 -7.78 13.46
CA PRO A 246 -1.98 -8.55 12.24
C PRO A 246 -2.75 -9.88 12.16
N GLN A 247 -2.90 -10.60 13.27
CA GLN A 247 -3.63 -11.85 13.17
C GLN A 247 -5.09 -11.61 12.81
N GLU A 248 -5.70 -10.56 13.36
CA GLU A 248 -7.10 -10.26 13.02
C GLU A 248 -7.21 -9.88 11.53
N VAL A 249 -6.33 -9.00 11.10
CA VAL A 249 -6.47 -8.35 9.79
C VAL A 249 -6.12 -9.34 8.67
N ILE A 250 -5.03 -10.08 8.83
CA ILE A 250 -4.57 -11.02 7.80
C ILE A 250 -5.29 -12.35 7.98
N GLY A 251 -5.41 -12.82 9.21
CA GLY A 251 -5.94 -14.16 9.46
C GLY A 251 -7.45 -14.22 9.43
N LYS A 252 -8.13 -13.32 10.13
CA LYS A 252 -9.59 -13.40 10.22
C LYS A 252 -10.24 -12.60 9.10
N ARG A 253 -9.69 -11.44 8.76
CA ARG A 253 -10.34 -10.54 7.78
C ARG A 253 -9.85 -10.71 6.34
N GLY A 254 -8.82 -11.55 6.16
CA GLY A 254 -8.40 -12.02 4.85
C GLY A 254 -7.64 -11.01 3.98
N SER A 255 -7.06 -9.99 4.61
N SER A 255 -7.07 -9.99 4.61
CA SER A 255 -6.21 -9.07 3.86
CA SER A 255 -6.20 -9.07 3.89
C SER A 255 -4.83 -9.63 3.57
C SER A 255 -4.87 -9.70 3.49
N ASP A 256 -4.14 -9.02 2.60
CA ASP A 256 -2.83 -9.51 2.19
C ASP A 256 -1.66 -8.87 2.92
N ILE A 257 -1.74 -7.56 3.13
CA ILE A 257 -0.55 -6.81 3.58
C ILE A 257 -0.97 -5.90 4.73
N ILE A 258 -0.16 -5.81 5.78
CA ILE A 258 -0.44 -4.83 6.83
C ILE A 258 0.41 -3.59 6.60
N ILE A 259 -0.24 -2.44 6.78
CA ILE A 259 0.42 -1.13 6.78
C ILE A 259 0.61 -0.67 8.23
N VAL A 260 1.86 -0.56 8.65
CA VAL A 260 2.12 -0.22 10.06
C VAL A 260 2.96 1.05 10.15
N GLY A 261 2.48 2.01 10.95
CA GLY A 261 3.15 3.33 11.07
C GLY A 261 3.68 3.45 12.50
N ARG A 262 2.95 4.13 13.36
CA ARG A 262 3.43 4.37 14.74
C ARG A 262 3.80 3.12 15.52
N GLY A 263 3.16 1.98 15.25
CA GLY A 263 3.54 0.72 15.92
C GLY A 263 5.03 0.43 15.75
N ILE A 264 5.58 0.84 14.61
CA ILE A 264 7.01 0.69 14.35
C ILE A 264 7.76 1.99 14.62
N ILE A 265 7.30 3.08 14.00
CA ILE A 265 8.07 4.33 14.04
C ILE A 265 8.32 4.86 15.47
N SER A 266 7.34 4.70 16.35
CA SER A 266 7.47 5.23 17.72
C SER A 266 8.28 4.31 18.63
N ALA A 267 8.55 3.10 18.18
CA ALA A 267 9.35 2.16 18.98
C ALA A 267 10.81 2.61 19.11
N ALA A 268 11.48 2.20 20.18
CA ALA A 268 12.90 2.55 20.28
C ALA A 268 13.71 1.88 19.16
N ASP A 269 13.59 0.55 19.06
CA ASP A 269 14.28 -0.24 18.04
C ASP A 269 13.31 -0.52 16.88
N ARG A 270 13.40 0.27 15.82
CA ARG A 270 12.44 0.15 14.71
C ARG A 270 12.68 -1.13 13.92
N LEU A 271 13.90 -1.65 13.93
CA LEU A 271 14.19 -2.87 13.17
C LEU A 271 13.54 -4.08 13.86
N GLU A 272 13.68 -4.17 15.17
N GLU A 272 13.70 -4.16 15.17
CA GLU A 272 13.08 -5.29 15.88
CA GLU A 272 13.09 -5.24 15.93
C GLU A 272 11.55 -5.18 15.90
C GLU A 272 11.57 -5.16 15.77
N ALA A 273 11.04 -3.94 15.87
CA ALA A 273 9.60 -3.73 15.75
C ALA A 273 9.10 -4.25 14.40
N ALA A 274 9.80 -3.92 13.33
CA ALA A 274 9.42 -4.33 11.98
C ALA A 274 9.47 -5.85 11.90
N GLU A 275 10.48 -6.45 12.53
CA GLU A 275 10.57 -7.92 12.50
C GLU A 275 9.38 -8.55 13.23
N MET A 276 8.94 -7.95 14.33
N MET A 276 8.95 -7.94 14.33
CA MET A 276 7.78 -8.46 15.06
CA MET A 276 7.79 -8.44 15.05
C MET A 276 6.51 -8.41 14.22
C MET A 276 6.57 -8.45 14.14
N TYR A 277 6.35 -7.32 13.48
CA TYR A 277 5.19 -7.15 12.61
C TYR A 277 5.26 -8.07 11.40
N ARG A 278 6.46 -8.23 10.86
CA ARG A 278 6.67 -9.09 9.70
C ARG A 278 6.30 -10.53 10.07
N LYS A 279 6.88 -11.04 11.15
CA LYS A 279 6.60 -12.42 11.56
C LYS A 279 5.12 -12.62 11.89
N ALA A 280 4.49 -11.63 12.53
CA ALA A 280 3.04 -11.73 12.80
C ALA A 280 2.20 -11.87 11.52
N ALA A 281 2.45 -10.96 10.57
CA ALA A 281 1.66 -10.92 9.34
C ALA A 281 1.97 -12.16 8.48
N TRP A 282 3.23 -12.58 8.46
CA TRP A 282 3.61 -13.72 7.62
C TRP A 282 3.00 -15.01 8.15
N GLU A 283 3.05 -15.19 9.47
CA GLU A 283 2.49 -16.43 10.02
C GLU A 283 0.96 -16.45 9.88
N ALA A 284 0.31 -15.30 10.00
CA ALA A 284 -1.13 -15.24 9.86
C ALA A 284 -1.51 -15.65 8.44
N TYR A 285 -0.73 -15.18 7.48
CA TYR A 285 -0.91 -15.58 6.09
C TYR A 285 -0.74 -17.08 5.87
N LEU A 286 0.35 -17.62 6.40
CA LEU A 286 0.64 -19.04 6.22
C LEU A 286 -0.47 -19.89 6.84
N SER A 287 -0.96 -19.50 8.01
N SER A 287 -0.92 -19.52 8.04
CA SER A 287 -1.99 -20.28 8.68
CA SER A 287 -1.99 -20.27 8.69
C SER A 287 -3.35 -20.20 7.97
C SER A 287 -3.25 -20.26 7.83
N ARG A 288 -3.57 -19.09 7.28
CA ARG A 288 -4.77 -18.92 6.47
C ARG A 288 -4.64 -19.72 5.18
N LEU A 289 -3.42 -19.81 4.64
CA LEU A 289 -3.16 -20.54 3.40
C LEU A 289 -3.31 -22.05 3.58
N GLY A 290 -3.01 -22.52 4.78
CA GLY A 290 -3.17 -23.93 5.13
C GLY A 290 -2.01 -24.76 4.62
S SO4 B . -0.51 4.54 12.44
O1 SO4 B . -0.52 3.73 13.67
O2 SO4 B . 0.60 5.49 12.55
O3 SO4 B . -0.26 3.71 11.26
O4 SO4 B . -1.80 5.20 12.34
NA NA C . -5.16 5.35 5.71
C1 GOL D . -2.18 7.05 7.21
O1 GOL D . -2.18 8.43 6.87
C2 GOL D . -0.95 6.65 8.01
O2 GOL D . 0.21 7.07 7.32
C3 GOL D . -0.92 5.12 8.19
O3 GOL D . 0.26 4.78 8.92
C1 GOL E . -12.94 -0.99 14.17
O1 GOL E . -11.58 -0.86 14.48
C2 GOL E . -13.25 -2.43 13.81
O2 GOL E . -12.40 -3.30 14.51
C3 GOL E . -13.08 -2.62 12.31
O3 GOL E . -14.32 -2.98 11.76
C1 GOL F . 6.56 -20.77 -7.79
O1 GOL F . 7.12 -19.68 -7.09
C2 GOL F . 5.09 -20.56 -8.15
O2 GOL F . 4.53 -21.77 -8.60
C3 GOL F . 4.28 -20.22 -6.90
O3 GOL F . 5.11 -19.85 -5.83
C1 GOL G . -24.82 -3.79 3.10
O1 GOL G . -24.82 -2.39 2.97
C2 GOL G . -23.80 -4.21 4.14
O2 GOL G . -23.55 -3.13 5.01
C3 GOL G . -22.52 -4.67 3.45
O3 GOL G . -21.42 -4.49 4.33
#